data_3EGS
#
_entry.id   3EGS
#
_cell.length_a   63.800
_cell.length_b   75.900
_cell.length_c   93.500
_cell.angle_alpha   90.00
_cell.angle_beta   90.00
_cell.angle_gamma   90.00
#
_symmetry.space_group_name_H-M   'P 21 21 21'
#
loop_
_entity.id
_entity.type
_entity.pdbx_description
1 polymer "2F5 Fab' light chain"
2 polymer "2F5 Fab' heavy chain"
3 polymer 'gp41 scrFP-MPER construct'
#
loop_
_entity_poly.entity_id
_entity_poly.type
_entity_poly.pdbx_seq_one_letter_code
_entity_poly.pdbx_strand_id
1 'polypeptide(L)'
;ALQLTQSPSSLSASVGDRITITCRASQGVTSALAWYRQKPGSPPQLLIYDASSLESGVPSRFSGSGSGTEFTLTISTLRP
EDFATYYCQQLHFYPHTFGGGTRVDVRRTVAAPSVFIFPPSDEQLKSGTASVVCLLNNFYPREAKVQWKVDNALQSGNSQ
ESVTEQDSKDSTYSLSSTLTLSKADYEKHKVYECEVTHQGLSSPVTKSFNRGEC
;
A
2 'polypeptide(L)'
;RITLKESGPPLVKPTQTLTLTCSFSGFSLSDFGVGVGWIRQPPGKALEWLAIIYSDDDKRYSPSLNTRLTITKDTSKNQV
VLVMTRVSPVDTATYFCAHRRGPTTLFGVPIARGPVNAMDVWGQGITVTISSTSTKGPSVFPLAPSSKSTAGGTAALGCL
VKDYFPEPVTVSWNSGALTSGVHTFPAVLQSSGLYSLSSVVTVPSSSLGTQTYTCNVNHKPSNTKVDKRVEPKSC
;
B
3 'polypeptide(L)' GIGAFGLLGFLAAGSKK(ACA)KNEQELLELDKWASLWN C
#
# COMPACT_ATOMS: atom_id res chain seq x y z
N ALA A 1 5.37 -2.15 22.84
CA ALA A 1 5.17 -3.41 23.61
C ALA A 1 6.18 -4.45 23.16
N LEU A 2 5.66 -5.59 22.71
CA LEU A 2 6.49 -6.67 22.24
C LEU A 2 6.82 -6.33 20.82
N GLN A 3 8.10 -6.34 20.50
CA GLN A 3 8.53 -6.02 19.15
C GLN A 3 8.77 -7.33 18.39
N LEU A 4 8.13 -7.43 17.24
CA LEU A 4 8.26 -8.59 16.37
C LEU A 4 9.04 -8.09 15.16
N THR A 5 10.25 -8.61 14.98
CA THR A 5 11.05 -8.18 13.84
C THR A 5 11.11 -9.25 12.76
N GLN A 6 10.63 -8.90 11.58
CA GLN A 6 10.62 -9.81 10.45
C GLN A 6 11.81 -9.52 9.54
N SER A 7 12.40 -10.58 9.01
CA SER A 7 13.54 -10.42 8.12
C SER A 7 13.73 -11.64 7.21
N PRO A 8 14.19 -11.41 5.98
CA PRO A 8 14.51 -10.07 5.47
C PRO A 8 13.19 -9.33 5.23
N SER A 9 13.21 -8.00 5.21
CA SER A 9 11.96 -7.27 4.99
C SER A 9 11.55 -7.37 3.53
N SER A 10 12.53 -7.54 2.66
CA SER A 10 12.27 -7.69 1.23
C SER A 10 13.14 -8.83 0.73
N LEU A 11 12.59 -9.63 -0.17
CA LEU A 11 13.31 -10.78 -0.68
C LEU A 11 12.98 -11.00 -2.15
N SER A 12 14.00 -11.35 -2.93
CA SER A 12 13.84 -11.59 -4.35
C SER A 12 14.07 -13.06 -4.69
N ALA A 13 13.12 -13.67 -5.38
CA ALA A 13 13.23 -15.09 -5.73
C ALA A 13 12.55 -15.49 -7.04
N SER A 14 12.73 -16.75 -7.42
CA SER A 14 12.15 -17.29 -8.65
C SER A 14 11.29 -18.52 -8.36
N VAL A 15 10.38 -18.82 -9.27
CA VAL A 15 9.53 -19.98 -9.12
C VAL A 15 10.42 -21.20 -8.98
N GLY A 16 10.08 -22.08 -8.04
CA GLY A 16 10.87 -23.27 -7.84
C GLY A 16 11.94 -23.08 -6.77
N ASP A 17 12.06 -21.86 -6.25
CA ASP A 17 13.06 -21.57 -5.23
C ASP A 17 12.61 -22.04 -3.86
N ARG A 18 13.58 -22.25 -2.96
CA ARG A 18 13.29 -22.63 -1.59
C ARG A 18 13.72 -21.44 -0.75
N ILE A 19 12.79 -20.83 -0.03
CA ILE A 19 13.13 -19.68 0.79
C ILE A 19 12.64 -19.83 2.22
N THR A 20 13.36 -19.20 3.14
CA THR A 20 13.00 -19.25 4.55
C THR A 20 13.05 -17.82 5.09
N ILE A 21 11.94 -17.37 5.67
CA ILE A 21 11.88 -16.04 6.25
C ILE A 21 11.68 -16.14 7.75
N THR A 22 12.13 -15.13 8.48
CA THR A 22 12.04 -15.16 9.94
C THR A 22 11.25 -14.00 10.56
N CYS A 23 10.82 -14.27 11.79
CA CYS A 23 10.04 -13.33 12.57
C CYS A 23 10.56 -13.57 13.96
N ARG A 24 11.08 -12.53 14.60
CA ARG A 24 11.53 -12.81 15.94
C ARG A 24 10.99 -11.76 16.92
N ALA A 25 10.63 -12.26 18.10
CA ALA A 25 10.05 -11.45 19.14
C ALA A 25 11.01 -10.97 20.22
N SER A 26 10.73 -9.79 20.76
CA SER A 26 11.55 -9.22 21.81
C SER A 26 11.37 -9.94 23.15
N GLN A 27 10.23 -10.60 23.31
CA GLN A 27 9.94 -11.39 24.52
C GLN A 27 9.41 -12.73 24.02
N GLY A 28 9.51 -13.77 24.85
CA GLY A 28 9.03 -15.09 24.45
C GLY A 28 7.53 -15.15 24.34
N VAL A 29 7.02 -15.66 23.22
CA VAL A 29 5.59 -15.78 23.00
C VAL A 29 5.17 -17.24 22.89
N THR A 30 5.99 -18.14 23.42
CA THR A 30 5.73 -19.58 23.38
C THR A 30 5.49 -20.06 21.93
N SER A 31 4.31 -20.58 21.65
CA SER A 31 4.02 -21.07 20.30
C SER A 31 2.91 -20.27 19.64
N ALA A 32 2.47 -19.20 20.31
CA ALA A 32 1.38 -18.37 19.78
C ALA A 32 1.82 -17.41 18.69
N LEU A 33 2.22 -17.96 17.54
CA LEU A 33 2.63 -17.14 16.42
C LEU A 33 1.98 -17.67 15.14
N ALA A 34 1.38 -16.79 14.35
CA ALA A 34 0.72 -17.21 13.12
C ALA A 34 1.38 -16.56 11.92
N TRP A 35 1.28 -17.22 10.77
CA TRP A 35 1.86 -16.70 9.53
C TRP A 35 0.78 -16.50 8.48
N TYR A 36 0.84 -15.38 7.78
CA TYR A 36 -0.14 -15.11 6.72
C TYR A 36 0.50 -14.70 5.41
N ARG A 37 -0.19 -14.96 4.30
CA ARG A 37 0.29 -14.53 3.00
C ARG A 37 -0.75 -13.52 2.55
N GLN A 38 -0.30 -12.39 2.00
CA GLN A 38 -1.24 -11.39 1.53
C GLN A 38 -0.88 -10.95 0.16
N LYS A 39 -1.80 -11.18 -0.78
CA LYS A 39 -1.58 -10.77 -2.15
C LYS A 39 -2.22 -9.41 -2.31
N PRO A 40 -1.62 -8.57 -3.15
CA PRO A 40 -2.14 -7.23 -3.38
C PRO A 40 -3.64 -7.22 -3.67
N GLY A 41 -4.35 -6.36 -2.96
CA GLY A 41 -5.78 -6.24 -3.15
C GLY A 41 -6.63 -7.27 -2.41
N SER A 42 -5.99 -8.21 -1.73
CA SER A 42 -6.71 -9.23 -0.98
C SER A 42 -6.35 -9.22 0.50
N PRO A 43 -7.24 -9.74 1.35
CA PRO A 43 -6.96 -9.76 2.77
C PRO A 43 -5.93 -10.83 3.15
N PRO A 44 -5.35 -10.73 4.35
CA PRO A 44 -4.37 -11.73 4.77
C PRO A 44 -5.03 -13.11 4.76
N GLN A 45 -4.20 -14.14 4.60
CA GLN A 45 -4.69 -15.50 4.57
C GLN A 45 -3.81 -16.37 5.44
N LEU A 46 -4.43 -17.03 6.42
CA LEU A 46 -3.73 -17.87 7.35
C LEU A 46 -3.05 -19.08 6.70
N LEU A 47 -1.78 -19.28 7.04
CA LEU A 47 -1.00 -20.41 6.51
C LEU A 47 -0.65 -21.33 7.67
N ILE A 48 -0.04 -20.73 8.69
CA ILE A 48 0.42 -21.44 9.87
C ILE A 48 -0.17 -20.84 11.14
N TYR A 49 -0.69 -21.71 12.01
CA TYR A 49 -1.25 -21.27 13.28
C TYR A 49 -0.48 -22.00 14.36
N ASP A 50 -0.31 -21.35 15.51
CA ASP A 50 0.40 -21.94 16.64
C ASP A 50 1.85 -22.31 16.30
N ALA A 51 2.49 -21.48 15.47
CA ALA A 51 3.89 -21.63 15.08
C ALA A 51 4.29 -22.73 14.09
N SER A 52 3.71 -23.91 14.20
CA SER A 52 4.09 -24.99 13.31
C SER A 52 2.96 -25.81 12.70
N SER A 53 1.72 -25.48 13.03
CA SER A 53 0.60 -26.22 12.49
C SER A 53 0.08 -25.66 11.16
N LEU A 54 0.08 -26.51 10.15
CA LEU A 54 -0.39 -26.15 8.83
C LEU A 54 -1.90 -25.98 8.89
N GLU A 55 -2.38 -24.81 8.48
CA GLU A 55 -3.80 -24.51 8.49
C GLU A 55 -4.52 -25.37 7.45
N SER A 56 -5.62 -25.99 7.83
CA SER A 56 -6.36 -26.84 6.90
C SER A 56 -6.59 -26.12 5.57
N GLY A 57 -6.28 -26.80 4.46
CA GLY A 57 -6.47 -26.20 3.16
C GLY A 57 -5.22 -25.56 2.58
N VAL A 58 -4.26 -25.24 3.44
CA VAL A 58 -3.02 -24.63 2.96
C VAL A 58 -2.11 -25.67 2.34
N PRO A 59 -1.49 -25.34 1.21
CA PRO A 59 -0.57 -26.22 0.47
C PRO A 59 0.54 -26.76 1.37
N SER A 60 0.98 -27.98 1.10
CA SER A 60 2.01 -28.62 1.90
C SER A 60 3.41 -27.99 1.75
N ARG A 61 3.59 -27.15 0.73
CA ARG A 61 4.88 -26.52 0.54
C ARG A 61 5.22 -25.55 1.67
N PHE A 62 4.17 -25.10 2.38
CA PHE A 62 4.33 -24.18 3.50
C PHE A 62 4.57 -24.89 4.82
N SER A 63 5.52 -24.39 5.59
CA SER A 63 5.82 -24.99 6.88
C SER A 63 6.38 -23.93 7.80
N GLY A 64 6.17 -24.14 9.10
CA GLY A 64 6.67 -23.21 10.11
C GLY A 64 7.29 -23.93 11.29
N SER A 65 8.25 -23.28 11.96
CA SER A 65 8.88 -23.89 13.11
C SER A 65 9.38 -22.77 14.01
N GLY A 66 9.76 -23.13 15.24
CA GLY A 66 10.23 -22.13 16.17
C GLY A 66 9.37 -22.09 17.41
N SER A 67 9.86 -21.40 18.43
CA SER A 67 9.15 -21.27 19.68
C SER A 67 9.91 -20.26 20.51
N GLY A 68 9.22 -19.56 21.40
CA GLY A 68 9.89 -18.58 22.23
C GLY A 68 10.09 -17.25 21.52
N THR A 69 11.31 -17.01 21.03
CA THR A 69 11.60 -15.75 20.34
C THR A 69 11.99 -15.91 18.88
N GLU A 70 12.15 -17.16 18.43
CA GLU A 70 12.53 -17.40 17.05
C GLU A 70 11.52 -18.21 16.24
N PHE A 71 11.14 -17.69 15.08
CA PHE A 71 10.19 -18.40 14.22
C PHE A 71 10.54 -18.25 12.74
N THR A 72 10.26 -19.30 11.96
CA THR A 72 10.53 -19.28 10.54
C THR A 72 9.36 -19.88 9.78
N LEU A 73 9.25 -19.46 8.53
CA LEU A 73 8.21 -19.91 7.61
C LEU A 73 9.03 -20.32 6.39
N THR A 74 8.85 -21.54 5.92
CA THR A 74 9.61 -22.00 4.76
C THR A 74 8.68 -22.40 3.63
N ILE A 75 9.04 -22.05 2.40
CA ILE A 75 8.27 -22.42 1.24
C ILE A 75 9.16 -23.33 0.43
N SER A 76 8.90 -24.63 0.51
CA SER A 76 9.69 -25.66 -0.15
C SER A 76 9.97 -25.42 -1.63
N THR A 77 8.96 -24.91 -2.32
CA THR A 77 9.08 -24.64 -3.74
C THR A 77 8.16 -23.46 -4.09
N LEU A 78 8.75 -22.31 -4.32
CA LEU A 78 8.00 -21.10 -4.66
C LEU A 78 7.11 -21.22 -5.89
N ARG A 79 5.87 -20.75 -5.76
CA ARG A 79 4.93 -20.74 -6.88
C ARG A 79 4.58 -19.30 -7.21
N PRO A 80 3.97 -19.08 -8.39
CA PRO A 80 3.57 -17.75 -8.85
C PRO A 80 2.71 -17.04 -7.81
N GLU A 81 1.76 -17.77 -7.25
CA GLU A 81 0.86 -17.22 -6.25
C GLU A 81 1.52 -16.86 -4.93
N ASP A 82 2.80 -17.17 -4.79
CA ASP A 82 3.51 -16.89 -3.55
C ASP A 82 4.25 -15.56 -3.54
N PHE A 83 4.35 -14.92 -4.69
CA PHE A 83 5.01 -13.63 -4.75
C PHE A 83 4.00 -12.68 -4.13
N ALA A 84 4.19 -12.43 -2.84
CA ALA A 84 3.29 -11.57 -2.10
C ALA A 84 4.02 -11.11 -0.85
N THR A 85 3.27 -10.57 0.09
CA THR A 85 3.86 -10.11 1.33
C THR A 85 3.40 -11.03 2.45
N TYR A 86 4.36 -11.46 3.28
CA TYR A 86 4.06 -12.35 4.38
C TYR A 86 4.17 -11.63 5.72
N TYR A 87 3.27 -11.98 6.63
CA TYR A 87 3.27 -11.38 7.96
C TYR A 87 3.16 -12.44 9.05
N CYS A 88 3.75 -12.13 10.18
CA CYS A 88 3.68 -13.01 11.32
C CYS A 88 2.93 -12.20 12.36
N GLN A 89 2.29 -12.90 13.29
CA GLN A 89 1.52 -12.27 14.36
C GLN A 89 1.62 -13.13 15.61
N GLN A 90 1.82 -12.50 16.76
CA GLN A 90 1.89 -13.25 18.00
C GLN A 90 0.62 -12.95 18.79
N LEU A 91 0.01 -14.00 19.33
CA LEU A 91 -1.22 -13.83 20.09
C LEU A 91 -1.04 -14.35 21.52
N HIS A 92 0.15 -14.14 22.07
CA HIS A 92 0.47 -14.57 23.42
C HIS A 92 0.28 -13.41 24.40
N PHE A 93 0.59 -12.21 23.96
CA PHE A 93 0.45 -11.01 24.80
C PHE A 93 -0.47 -10.01 24.10
N TYR A 94 -1.08 -9.13 24.88
CA TYR A 94 -1.90 -8.08 24.31
C TYR A 94 -0.94 -6.91 24.36
N PRO A 95 -0.92 -6.09 23.32
CA PRO A 95 -1.75 -6.22 22.12
C PRO A 95 -1.14 -7.29 21.22
N HIS A 96 -1.96 -7.81 20.30
CA HIS A 96 -1.49 -8.83 19.36
C HIS A 96 -0.69 -8.14 18.28
N THR A 97 0.61 -8.36 18.27
CA THR A 97 1.46 -7.70 17.31
C THR A 97 1.71 -8.42 15.99
N PHE A 98 1.79 -7.62 14.93
CA PHE A 98 2.07 -8.11 13.60
C PHE A 98 3.49 -7.67 13.30
N GLY A 99 4.20 -8.44 12.50
CA GLY A 99 5.55 -8.03 12.14
C GLY A 99 5.42 -6.98 11.05
N GLY A 100 6.55 -6.45 10.59
CA GLY A 100 6.51 -5.46 9.51
C GLY A 100 6.27 -6.04 8.12
N GLY A 101 6.29 -7.37 8.05
CA GLY A 101 6.06 -8.07 6.79
C GLY A 101 7.28 -8.39 5.94
N THR A 102 7.19 -9.45 5.14
CA THR A 102 8.27 -9.82 4.24
C THR A 102 7.72 -9.82 2.84
N ARG A 103 8.40 -9.10 1.97
CA ARG A 103 7.98 -8.95 0.60
C ARG A 103 8.72 -9.85 -0.38
N VAL A 104 7.98 -10.78 -0.98
CA VAL A 104 8.58 -11.69 -1.96
C VAL A 104 8.16 -11.35 -3.37
N ASP A 105 9.13 -10.95 -4.19
CA ASP A 105 8.85 -10.58 -5.58
C ASP A 105 9.62 -11.45 -6.55
N VAL A 106 9.33 -11.27 -7.84
CA VAL A 106 9.98 -12.05 -8.88
C VAL A 106 11.37 -11.56 -9.23
N ARG A 107 12.33 -12.48 -9.21
CA ARG A 107 13.71 -12.14 -9.52
C ARG A 107 13.95 -12.09 -11.01
N ARG A 108 14.78 -11.12 -11.41
CA ARG A 108 15.17 -10.92 -12.80
C ARG A 108 16.50 -10.21 -12.72
N THR A 109 17.18 -10.06 -13.85
CA THR A 109 18.46 -9.37 -13.83
C THR A 109 18.27 -7.94 -13.39
N VAL A 110 19.30 -7.38 -12.79
CA VAL A 110 19.26 -5.99 -12.35
C VAL A 110 19.02 -5.13 -13.57
N ALA A 111 18.14 -4.12 -13.44
CA ALA A 111 17.82 -3.22 -14.54
C ALA A 111 17.80 -1.80 -14.02
N ALA A 112 18.73 -0.99 -14.50
CA ALA A 112 18.80 0.40 -14.05
C ALA A 112 17.61 1.14 -14.65
N PRO A 113 17.08 2.14 -13.92
CA PRO A 113 15.94 2.92 -14.37
C PRO A 113 16.26 3.92 -15.48
N SER A 114 15.29 4.19 -16.33
CA SER A 114 15.46 5.19 -17.36
C SER A 114 14.86 6.37 -16.65
N VAL A 115 15.58 7.48 -16.56
CA VAL A 115 15.06 8.64 -15.86
C VAL A 115 14.68 9.80 -16.78
N PHE A 116 13.57 10.46 -16.48
CA PHE A 116 13.11 11.60 -17.26
C PHE A 116 12.58 12.61 -16.25
N ILE A 117 12.73 13.89 -16.55
CA ILE A 117 12.23 14.91 -15.65
C ILE A 117 11.31 15.80 -16.45
N PHE A 118 10.17 16.16 -15.87
CA PHE A 118 9.17 16.98 -16.56
C PHE A 118 8.94 18.31 -15.87
N PRO A 119 9.24 19.44 -16.55
CA PRO A 119 9.00 20.73 -15.91
C PRO A 119 7.51 20.97 -15.75
N PRO A 120 7.11 21.88 -14.86
CA PRO A 120 5.68 22.11 -14.71
C PRO A 120 5.15 22.75 -15.98
N SER A 121 3.85 22.66 -16.20
CA SER A 121 3.29 23.22 -17.41
C SER A 121 2.91 24.65 -17.19
N ASP A 122 2.86 25.41 -18.27
CA ASP A 122 2.52 26.81 -18.17
C ASP A 122 1.10 26.93 -17.67
N GLU A 123 0.20 26.10 -18.18
CA GLU A 123 -1.19 26.14 -17.75
C GLU A 123 -1.33 25.95 -16.24
N GLN A 124 -0.57 25.01 -15.69
CA GLN A 124 -0.64 24.78 -14.25
C GLN A 124 -0.08 26.00 -13.54
N LEU A 125 1.02 26.54 -14.06
CA LEU A 125 1.67 27.67 -13.43
C LEU A 125 0.77 28.82 -13.01
N LYS A 126 -0.36 29.05 -13.66
CA LYS A 126 -1.16 30.16 -13.18
C LYS A 126 -2.25 29.71 -12.22
N SER A 127 -2.34 28.41 -12.00
CA SER A 127 -3.31 27.90 -11.03
C SER A 127 -2.69 28.33 -9.71
N GLY A 128 -1.40 28.68 -9.79
CA GLY A 128 -0.67 29.10 -8.62
C GLY A 128 0.41 28.17 -8.12
N THR A 129 0.51 26.97 -8.68
CA THR A 129 1.55 26.08 -8.20
C THR A 129 2.30 25.38 -9.33
N ALA A 130 3.42 24.79 -9.00
CA ALA A 130 4.24 24.10 -9.99
C ALA A 130 4.56 22.69 -9.55
N SER A 131 4.22 21.73 -10.38
CA SER A 131 4.52 20.34 -10.07
C SER A 131 5.57 19.91 -11.07
N VAL A 132 6.72 19.45 -10.59
CA VAL A 132 7.75 18.98 -11.49
C VAL A 132 7.88 17.52 -11.12
N VAL A 133 7.81 16.64 -12.10
CA VAL A 133 7.88 15.23 -11.77
C VAL A 133 9.05 14.49 -12.39
N CYS A 134 9.51 13.49 -11.65
CA CYS A 134 10.62 12.66 -12.09
C CYS A 134 10.12 11.24 -12.28
N LEU A 135 10.46 10.65 -13.41
CA LEU A 135 10.05 9.29 -13.74
C LEU A 135 11.23 8.34 -13.76
N LEU A 136 11.12 7.26 -12.99
CA LEU A 136 12.14 6.21 -12.96
C LEU A 136 11.43 5.05 -13.63
N ASN A 137 11.80 4.75 -14.87
CA ASN A 137 11.13 3.72 -15.63
C ASN A 137 11.78 2.36 -15.79
N ASN A 138 10.99 1.31 -15.52
CA ASN A 138 11.39 -0.10 -15.66
C ASN A 138 12.72 -0.51 -15.06
N PHE A 139 12.81 -0.50 -13.73
CA PHE A 139 14.04 -0.88 -13.07
C PHE A 139 13.82 -2.09 -12.18
N TYR A 140 14.92 -2.64 -11.70
CA TYR A 140 14.91 -3.78 -10.80
C TYR A 140 16.30 -3.88 -10.21
N PRO A 141 16.41 -4.10 -8.91
CA PRO A 141 15.34 -4.27 -7.93
C PRO A 141 14.49 -3.04 -7.62
N ARG A 142 13.49 -3.26 -6.78
CA ARG A 142 12.54 -2.23 -6.37
C ARG A 142 13.14 -1.01 -5.66
N GLU A 143 14.08 -1.25 -4.75
CA GLU A 143 14.72 -0.17 -4.00
C GLU A 143 15.31 0.91 -4.90
N ALA A 144 14.83 2.13 -4.75
CA ALA A 144 15.33 3.24 -5.53
C ALA A 144 15.22 4.52 -4.71
N LYS A 145 16.14 5.44 -4.95
CA LYS A 145 16.15 6.68 -4.18
C LYS A 145 16.13 7.89 -5.11
N VAL A 146 15.19 8.79 -4.84
CA VAL A 146 15.06 10.01 -5.63
C VAL A 146 15.35 11.23 -4.77
N GLN A 147 16.22 12.09 -5.26
CA GLN A 147 16.54 13.29 -4.52
C GLN A 147 16.37 14.50 -5.41
N TRP A 148 15.55 15.43 -4.92
CA TRP A 148 15.27 16.66 -5.62
C TRP A 148 16.19 17.80 -5.20
N LYS A 149 16.63 18.57 -6.18
CA LYS A 149 17.48 19.70 -5.91
C LYS A 149 17.05 20.88 -6.77
N VAL A 150 17.02 22.05 -6.14
CA VAL A 150 16.65 23.28 -6.81
C VAL A 150 17.79 24.24 -6.51
N ASP A 151 18.48 24.64 -7.58
CA ASP A 151 19.62 25.53 -7.45
C ASP A 151 20.55 24.95 -6.41
N ASN A 152 20.71 23.63 -6.53
CA ASN A 152 21.58 22.80 -5.70
C ASN A 152 21.17 22.66 -4.25
N ALA A 153 20.01 23.19 -3.89
CA ALA A 153 19.55 23.07 -2.52
C ALA A 153 18.78 21.75 -2.44
N LEU A 154 19.14 20.90 -1.49
CA LEU A 154 18.44 19.64 -1.35
C LEU A 154 17.01 19.92 -0.88
N GLN A 155 16.03 19.37 -1.60
CA GLN A 155 14.63 19.57 -1.25
C GLN A 155 14.16 18.48 -0.27
N SER A 156 13.35 18.86 0.71
CA SER A 156 12.85 17.93 1.68
C SER A 156 11.46 18.27 2.10
N GLY A 157 10.65 17.23 2.26
CA GLY A 157 9.26 17.43 2.70
C GLY A 157 8.21 17.95 1.74
N ASN A 158 8.59 18.21 0.48
CA ASN A 158 7.69 18.75 -0.48
C ASN A 158 7.69 17.93 -1.76
N SER A 159 7.67 16.61 -1.63
CA SER A 159 7.64 15.73 -2.78
C SER A 159 6.96 14.47 -2.27
N GLN A 160 6.27 13.80 -3.18
CA GLN A 160 5.57 12.56 -2.88
C GLN A 160 5.86 11.68 -4.06
N GLU A 161 5.71 10.37 -3.91
CA GLU A 161 6.03 9.50 -5.03
C GLU A 161 5.34 8.17 -4.84
N SER A 162 5.03 7.47 -5.93
CA SER A 162 4.39 6.17 -5.81
C SER A 162 5.05 5.23 -6.80
N VAL A 163 4.95 3.93 -6.51
CA VAL A 163 5.56 2.92 -7.36
C VAL A 163 4.49 2.00 -7.92
N THR A 164 4.74 1.46 -9.11
CA THR A 164 3.78 0.56 -9.73
C THR A 164 3.99 -0.84 -9.18
N GLU A 165 3.10 -1.76 -9.55
CA GLU A 165 3.25 -3.12 -9.09
C GLU A 165 4.25 -3.75 -10.05
N GLN A 166 4.95 -4.79 -9.59
CA GLN A 166 5.93 -5.45 -10.44
C GLN A 166 5.24 -5.91 -11.72
N ASP A 167 5.80 -5.54 -12.86
CA ASP A 167 5.23 -5.88 -14.16
C ASP A 167 5.13 -7.40 -14.34
N SER A 168 3.99 -7.84 -14.87
CA SER A 168 3.75 -9.26 -15.09
C SER A 168 4.62 -9.88 -16.19
N LYS A 169 5.03 -9.07 -17.15
CA LYS A 169 5.82 -9.56 -18.27
C LYS A 169 7.33 -9.39 -18.12
N ASP A 170 7.77 -8.20 -17.74
CA ASP A 170 9.21 -7.97 -17.61
C ASP A 170 9.74 -7.88 -16.17
N SER A 171 8.85 -8.00 -15.19
CA SER A 171 9.24 -7.96 -13.79
C SER A 171 9.95 -6.69 -13.29
N THR A 172 9.69 -5.56 -13.92
CA THR A 172 10.32 -4.33 -13.48
C THR A 172 9.34 -3.46 -12.72
N TYR A 173 9.88 -2.42 -12.09
CA TYR A 173 9.08 -1.46 -11.35
C TYR A 173 9.33 -0.12 -12.00
N SER A 174 8.41 0.80 -11.76
CA SER A 174 8.53 2.15 -12.27
C SER A 174 8.12 3.03 -11.12
N LEU A 175 8.74 4.19 -11.01
CA LEU A 175 8.45 5.10 -9.91
C LEU A 175 8.23 6.52 -10.39
N SER A 176 7.33 7.21 -9.72
CA SER A 176 7.01 8.59 -10.07
C SER A 176 7.13 9.46 -8.83
N SER A 177 7.90 10.53 -8.94
CA SER A 177 8.07 11.44 -7.82
C SER A 177 7.66 12.84 -8.25
N THR A 178 6.87 13.51 -7.42
CA THR A 178 6.40 14.86 -7.70
C THR A 178 6.88 15.88 -6.68
N LEU A 179 7.59 16.90 -7.17
CA LEU A 179 8.08 17.98 -6.32
C LEU A 179 7.07 19.10 -6.51
N THR A 180 6.47 19.57 -5.44
CA THR A 180 5.49 20.64 -5.56
C THR A 180 5.92 21.96 -4.94
N LEU A 181 5.92 23.00 -5.76
CA LEU A 181 6.32 24.33 -5.29
C LEU A 181 5.25 25.35 -5.62
N SER A 182 5.30 26.49 -4.92
CA SER A 182 4.37 27.56 -5.19
C SER A 182 4.98 28.14 -6.47
N LYS A 183 4.18 28.82 -7.27
CA LYS A 183 4.73 29.37 -8.49
C LYS A 183 5.86 30.34 -8.20
N ALA A 184 5.62 31.25 -7.28
CA ALA A 184 6.61 32.26 -6.92
C ALA A 184 7.96 31.62 -6.65
N ASP A 185 7.94 30.52 -5.91
CA ASP A 185 9.18 29.82 -5.58
C ASP A 185 9.78 29.21 -6.83
N TYR A 186 8.93 28.67 -7.68
CA TYR A 186 9.41 28.07 -8.91
C TYR A 186 10.15 29.10 -9.78
N GLU A 187 9.58 30.31 -9.87
CA GLU A 187 10.17 31.36 -10.67
C GLU A 187 11.42 31.97 -10.10
N LYS A 188 11.70 31.76 -8.82
CA LYS A 188 12.93 32.34 -8.29
C LYS A 188 14.11 31.41 -8.23
N HIS A 189 14.01 30.31 -8.94
CA HIS A 189 15.11 29.37 -9.00
C HIS A 189 15.34 28.99 -10.44
N LYS A 190 16.50 28.40 -10.71
CA LYS A 190 16.87 28.05 -12.06
C LYS A 190 16.99 26.57 -12.43
N VAL A 191 17.92 25.87 -11.80
CA VAL A 191 18.12 24.46 -12.10
C VAL A 191 17.25 23.53 -11.30
N TYR A 192 16.48 22.70 -11.99
CA TYR A 192 15.64 21.74 -11.32
C TYR A 192 16.26 20.40 -11.64
N GLU A 193 16.62 19.68 -10.61
CA GLU A 193 17.30 18.41 -10.80
C GLU A 193 16.74 17.26 -10.00
N CYS A 194 16.72 16.10 -10.64
CA CYS A 194 16.24 14.87 -10.05
C CYS A 194 17.41 13.90 -10.00
N GLU A 195 17.85 13.51 -8.81
CA GLU A 195 18.98 12.59 -8.73
C GLU A 195 18.50 11.23 -8.29
N VAL A 196 18.78 10.23 -9.11
CA VAL A 196 18.35 8.86 -8.82
C VAL A 196 19.46 7.90 -8.42
N THR A 197 19.27 7.24 -7.28
CA THR A 197 20.22 6.26 -6.79
C THR A 197 19.58 4.89 -6.93
N HIS A 198 20.28 3.98 -7.60
CA HIS A 198 19.76 2.65 -7.81
C HIS A 198 20.88 1.66 -8.05
N GLN A 199 20.70 0.44 -7.54
CA GLN A 199 21.69 -0.61 -7.67
C GLN A 199 22.32 -0.75 -9.07
N GLY A 200 21.57 -0.40 -10.12
CA GLY A 200 22.10 -0.52 -11.47
C GLY A 200 22.86 0.67 -12.00
N LEU A 201 23.03 1.68 -11.18
CA LEU A 201 23.75 2.87 -11.58
C LEU A 201 25.03 2.95 -10.74
N SER A 202 26.18 2.87 -11.40
CA SER A 202 27.47 2.93 -10.71
C SER A 202 27.59 4.21 -9.90
N SER A 203 26.99 5.27 -10.44
CA SER A 203 27.00 6.58 -9.81
C SER A 203 25.60 7.19 -10.00
N PRO A 204 25.10 7.91 -8.98
CA PRO A 204 23.78 8.53 -9.09
C PRO A 204 23.60 9.32 -10.41
N VAL A 205 22.38 9.32 -10.95
CA VAL A 205 22.09 10.04 -12.20
C VAL A 205 21.34 11.31 -11.88
N THR A 206 21.62 12.37 -12.62
CA THR A 206 20.91 13.62 -12.40
C THR A 206 20.33 14.12 -13.72
N LYS A 207 19.02 14.36 -13.71
CA LYS A 207 18.29 14.91 -14.87
C LYS A 207 17.95 16.30 -14.39
N SER A 208 18.15 17.30 -15.23
CA SER A 208 17.85 18.65 -14.80
C SER A 208 17.38 19.52 -15.95
N PHE A 209 16.88 20.70 -15.61
CA PHE A 209 16.43 21.67 -16.59
C PHE A 209 16.54 23.05 -15.97
N ASN A 210 16.74 24.07 -16.79
CA ASN A 210 16.83 25.43 -16.29
C ASN A 210 15.49 26.06 -16.63
N ARG A 211 14.77 26.54 -15.62
CA ARG A 211 13.45 27.11 -15.83
C ARG A 211 13.13 27.83 -17.14
N GLY A 212 13.72 29.00 -17.37
CA GLY A 212 13.41 29.72 -18.59
C GLY A 212 14.04 29.23 -19.89
N GLU A 213 14.86 28.19 -19.83
CA GLU A 213 15.57 27.71 -21.02
C GLU A 213 15.21 26.36 -21.68
N ARG B 1 -17.98 -21.92 4.97
CA ARG B 1 -17.98 -22.03 6.46
C ARG B 1 -18.25 -20.64 7.05
N ILE B 2 -17.20 -20.08 7.65
CA ILE B 2 -17.18 -18.77 8.28
C ILE B 2 -16.77 -17.70 7.27
N THR B 3 -17.51 -16.60 7.26
CA THR B 3 -17.18 -15.48 6.38
C THR B 3 -17.52 -14.24 7.20
N LEU B 4 -16.85 -13.13 6.90
CA LEU B 4 -17.10 -11.88 7.62
C LEU B 4 -17.03 -10.75 6.61
N LYS B 5 -17.80 -9.71 6.88
CA LYS B 5 -17.79 -8.56 5.98
C LYS B 5 -17.86 -7.25 6.74
N GLU B 6 -16.92 -6.37 6.42
CA GLU B 6 -16.87 -5.08 7.06
C GLU B 6 -17.75 -4.09 6.30
N SER B 7 -18.38 -3.19 7.03
CA SER B 7 -19.22 -2.18 6.43
C SER B 7 -19.11 -0.90 7.26
N GLY B 8 -19.34 0.23 6.62
CA GLY B 8 -19.25 1.51 7.28
C GLY B 8 -19.03 2.54 6.21
N PRO B 9 -18.61 3.78 6.55
CA PRO B 9 -18.40 4.80 5.51
C PRO B 9 -17.01 4.73 4.91
N PRO B 10 -16.91 4.89 3.59
CA PRO B 10 -15.62 4.84 2.89
C PRO B 10 -14.87 6.15 3.05
N LEU B 11 -15.64 7.19 3.37
CA LEU B 11 -15.08 8.53 3.52
C LEU B 11 -15.45 9.16 4.85
N VAL B 12 -14.46 9.61 5.60
CA VAL B 12 -14.73 10.26 6.88
C VAL B 12 -13.92 11.53 7.02
N LYS B 13 -14.53 12.56 7.61
CA LYS B 13 -13.86 13.84 7.82
C LYS B 13 -12.99 13.86 9.07
N PRO B 14 -11.81 14.48 8.99
CA PRO B 14 -10.90 14.55 10.14
C PRO B 14 -11.65 15.07 11.36
N THR B 15 -11.37 14.47 12.53
CA THR B 15 -12.01 14.83 13.80
C THR B 15 -13.22 13.97 14.12
N GLN B 16 -14.02 13.69 13.10
CA GLN B 16 -15.22 12.89 13.28
C GLN B 16 -14.99 11.50 13.80
N THR B 17 -16.10 10.77 13.93
CA THR B 17 -16.07 9.42 14.42
C THR B 17 -16.27 8.42 13.30
N LEU B 18 -15.47 7.36 13.34
CA LEU B 18 -15.54 6.28 12.36
C LEU B 18 -16.21 5.08 13.01
N THR B 19 -17.36 4.69 12.49
CA THR B 19 -18.05 3.52 13.02
C THR B 19 -18.00 2.40 11.99
N LEU B 20 -17.47 1.26 12.41
CA LEU B 20 -17.32 0.11 11.53
C LEU B 20 -18.15 -1.05 12.03
N THR B 21 -18.68 -1.81 11.08
CA THR B 21 -19.50 -2.95 11.42
C THR B 21 -18.98 -4.21 10.75
N CYS B 22 -18.89 -5.27 11.53
CA CYS B 22 -18.43 -6.54 11.01
C CYS B 22 -19.59 -7.51 11.11
N SER B 23 -20.10 -7.94 9.96
CA SER B 23 -21.18 -8.90 9.91
C SER B 23 -20.53 -10.22 9.52
N PHE B 24 -20.97 -11.30 10.16
CA PHE B 24 -20.37 -12.60 9.89
C PHE B 24 -21.40 -13.72 9.96
N SER B 25 -21.02 -14.89 9.43
CA SER B 25 -21.89 -16.06 9.44
C SER B 25 -21.02 -17.30 9.40
N GLY B 26 -21.49 -18.37 10.01
CA GLY B 26 -20.72 -19.59 10.03
C GLY B 26 -20.27 -19.87 11.44
N PHE B 27 -20.52 -18.89 12.31
CA PHE B 27 -20.19 -19.00 13.72
C PHE B 27 -21.00 -17.92 14.42
N SER B 28 -21.09 -18.01 15.73
CA SER B 28 -21.85 -17.03 16.50
C SER B 28 -20.99 -16.57 17.65
N LEU B 29 -21.29 -15.38 18.18
CA LEU B 29 -20.51 -14.90 19.29
C LEU B 29 -20.89 -15.56 20.60
N SER B 30 -21.63 -16.66 20.54
CA SER B 30 -21.99 -17.36 21.77
C SER B 30 -21.26 -18.69 21.84
N ASP B 31 -20.45 -18.99 20.81
CA ASP B 31 -19.68 -20.23 20.84
C ASP B 31 -18.58 -19.91 21.86
N PHE B 32 -18.18 -20.89 22.64
CA PHE B 32 -17.17 -20.63 23.66
C PHE B 32 -15.82 -20.11 23.17
N GLY B 33 -15.30 -19.10 23.86
CA GLY B 33 -14.00 -18.52 23.57
C GLY B 33 -13.75 -17.76 22.27
N VAL B 34 -14.68 -17.85 21.34
CA VAL B 34 -14.53 -17.20 20.04
C VAL B 34 -14.35 -15.68 20.08
N GLY B 35 -13.44 -15.19 19.25
CA GLY B 35 -13.19 -13.77 19.19
C GLY B 35 -13.32 -13.21 17.79
N VAL B 36 -13.38 -11.88 17.71
CA VAL B 36 -13.48 -11.19 16.45
C VAL B 36 -12.58 -9.99 16.61
N GLY B 37 -11.60 -9.85 15.74
CA GLY B 37 -10.69 -8.74 15.85
C GLY B 37 -10.76 -7.77 14.71
N TRP B 38 -10.10 -6.64 14.89
CA TRP B 38 -10.04 -5.60 13.89
C TRP B 38 -8.59 -5.34 13.60
N ILE B 39 -8.24 -5.36 12.32
CA ILE B 39 -6.88 -5.10 11.87
C ILE B 39 -6.93 -4.08 10.74
N ARG B 40 -6.02 -3.12 10.74
CA ARG B 40 -6.03 -2.11 9.69
C ARG B 40 -4.71 -2.13 8.93
N GLN B 41 -4.73 -1.57 7.72
CA GLN B 41 -3.53 -1.52 6.91
C GLN B 41 -3.49 -0.27 6.07
N PRO B 42 -2.55 0.65 6.38
CA PRO B 42 -2.47 1.88 5.60
C PRO B 42 -1.96 1.52 4.23
N PRO B 43 -2.31 2.32 3.23
CA PRO B 43 -1.90 2.10 1.85
C PRO B 43 -0.41 1.77 1.75
N GLY B 44 -0.11 0.62 1.16
CA GLY B 44 1.27 0.20 0.99
C GLY B 44 2.04 -0.08 2.27
N LYS B 45 1.35 -0.15 3.41
CA LYS B 45 2.02 -0.40 4.69
C LYS B 45 1.69 -1.77 5.28
N ALA B 46 2.21 -2.00 6.48
CA ALA B 46 2.01 -3.26 7.19
C ALA B 46 0.67 -3.30 7.93
N LEU B 47 0.32 -4.49 8.41
CA LEU B 47 -0.91 -4.69 9.16
C LEU B 47 -0.72 -4.12 10.55
N GLU B 48 -1.78 -3.54 11.11
CA GLU B 48 -1.71 -2.98 12.44
C GLU B 48 -2.89 -3.50 13.25
N TRP B 49 -2.60 -4.08 14.43
CA TRP B 49 -3.64 -4.63 15.29
C TRP B 49 -4.40 -3.50 15.96
N LEU B 50 -5.72 -3.59 15.97
CA LEU B 50 -6.55 -2.55 16.57
C LEU B 50 -7.24 -2.97 17.84
N ALA B 51 -8.01 -4.04 17.78
CA ALA B 51 -8.72 -4.49 18.96
C ALA B 51 -9.34 -5.86 18.78
N ILE B 52 -9.86 -6.41 19.87
CA ILE B 52 -10.51 -7.69 19.79
C ILE B 52 -11.55 -7.81 20.89
N ILE B 53 -12.63 -8.51 20.59
CA ILE B 53 -13.71 -8.73 21.54
C ILE B 53 -14.05 -10.23 21.49
N TYR B 54 -14.46 -10.79 22.62
CA TYR B 54 -14.80 -12.20 22.66
C TYR B 54 -16.25 -12.51 23.01
N SER B 55 -16.53 -13.81 23.04
CA SER B 55 -17.84 -14.37 23.35
C SER B 55 -18.36 -13.95 24.71
N ASP B 56 -17.48 -13.97 25.70
CA ASP B 56 -17.81 -13.60 27.07
C ASP B 56 -17.67 -12.10 27.28
N ASP B 57 -17.43 -11.39 26.18
CA ASP B 57 -17.34 -9.94 26.21
C ASP B 57 -16.07 -9.23 26.63
N ASP B 58 -14.98 -9.91 26.99
CA ASP B 58 -13.86 -9.05 27.31
C ASP B 58 -13.29 -8.58 25.98
N LYS B 59 -12.58 -7.46 26.04
CA LYS B 59 -12.05 -6.86 24.85
C LYS B 59 -10.73 -6.22 25.21
N ARG B 60 -9.92 -6.00 24.19
CA ARG B 60 -8.63 -5.38 24.38
C ARG B 60 -8.42 -4.45 23.22
N TYR B 61 -7.79 -3.31 23.49
CA TYR B 61 -7.53 -2.36 22.44
C TYR B 61 -6.03 -2.18 22.33
N SER B 62 -5.60 -1.61 21.22
CA SER B 62 -4.20 -1.35 21.02
C SER B 62 -3.92 -0.19 21.97
N PRO B 63 -2.91 -0.36 22.84
CA PRO B 63 -2.53 0.68 23.81
C PRO B 63 -2.44 2.09 23.22
N SER B 64 -1.84 2.17 22.04
CA SER B 64 -1.64 3.44 21.38
C SER B 64 -2.81 4.00 20.63
N LEU B 65 -3.99 3.50 20.96
CA LEU B 65 -5.22 3.95 20.32
C LEU B 65 -6.35 3.97 21.34
N ASN B 66 -6.24 3.11 22.33
CA ASN B 66 -7.32 2.92 23.31
C ASN B 66 -8.17 4.04 23.94
N THR B 67 -7.85 5.32 23.78
CA THR B 67 -8.77 6.31 24.32
C THR B 67 -9.62 6.80 23.14
N ARG B 68 -9.37 6.19 21.98
CA ARG B 68 -10.09 6.53 20.74
C ARG B 68 -10.92 5.37 20.18
N LEU B 69 -10.76 4.19 20.75
CA LEU B 69 -11.49 3.00 20.26
C LEU B 69 -12.51 2.40 21.22
N THR B 70 -13.61 1.92 20.65
CA THR B 70 -14.66 1.27 21.43
C THR B 70 -15.19 0.11 20.58
N ILE B 71 -15.05 -1.10 21.10
CA ILE B 71 -15.52 -2.27 20.38
C ILE B 71 -16.72 -2.89 21.12
N THR B 72 -17.75 -3.24 20.35
CA THR B 72 -18.95 -3.84 20.92
C THR B 72 -19.47 -4.96 20.02
N LYS B 73 -20.41 -5.72 20.55
CA LYS B 73 -21.01 -6.82 19.80
C LYS B 73 -22.51 -6.93 20.10
N ASP B 74 -23.30 -7.12 19.05
CA ASP B 74 -24.74 -7.31 19.16
C ASP B 74 -24.85 -8.74 18.69
N THR B 75 -25.26 -9.64 19.57
CA THR B 75 -25.34 -11.05 19.19
C THR B 75 -26.57 -11.55 18.45
N SER B 76 -27.65 -10.77 18.44
CA SER B 76 -28.86 -11.17 17.71
C SER B 76 -28.67 -10.75 16.25
N LYS B 77 -27.78 -9.79 16.05
CA LYS B 77 -27.47 -9.28 14.72
C LYS B 77 -26.25 -10.01 14.16
N ASN B 78 -25.48 -10.63 15.05
CA ASN B 78 -24.26 -11.33 14.66
C ASN B 78 -23.28 -10.33 14.06
N GLN B 79 -23.13 -9.21 14.74
CA GLN B 79 -22.24 -8.15 14.28
C GLN B 79 -21.36 -7.65 15.40
N VAL B 80 -20.23 -7.08 15.01
CA VAL B 80 -19.29 -6.49 15.94
C VAL B 80 -19.11 -5.08 15.41
N VAL B 81 -19.05 -4.12 16.30
CA VAL B 81 -18.90 -2.73 15.92
C VAL B 81 -17.65 -2.10 16.50
N LEU B 82 -16.95 -1.31 15.67
CA LEU B 82 -15.75 -0.65 16.13
C LEU B 82 -15.93 0.84 15.89
N VAL B 83 -15.70 1.63 16.93
CA VAL B 83 -15.82 3.08 16.81
C VAL B 83 -14.46 3.72 17.08
N MET B 84 -13.99 4.51 16.13
CA MET B 84 -12.72 5.21 16.27
C MET B 84 -13.01 6.69 16.22
N THR B 85 -12.62 7.42 17.27
CA THR B 85 -12.88 8.85 17.32
C THR B 85 -11.71 9.73 16.87
N ARG B 86 -12.04 10.98 16.59
CA ARG B 86 -11.09 11.98 16.09
C ARG B 86 -10.08 11.40 15.11
N VAL B 87 -10.60 10.93 13.97
CA VAL B 87 -9.76 10.37 12.94
C VAL B 87 -9.01 11.50 12.25
N SER B 88 -7.90 11.15 11.62
CA SER B 88 -7.11 12.12 10.90
C SER B 88 -6.63 11.35 9.68
N PRO B 89 -6.08 12.05 8.69
CA PRO B 89 -5.58 11.42 7.46
C PRO B 89 -4.70 10.18 7.67
N VAL B 90 -3.96 10.13 8.77
CA VAL B 90 -3.11 8.97 9.04
C VAL B 90 -3.94 7.72 9.30
N ASP B 91 -5.24 7.90 9.56
CA ASP B 91 -6.11 6.76 9.81
C ASP B 91 -6.64 6.19 8.50
N THR B 92 -6.25 6.80 7.39
CA THR B 92 -6.68 6.32 6.09
C THR B 92 -6.02 4.98 5.88
N ALA B 93 -6.85 3.96 5.69
CA ALA B 93 -6.35 2.62 5.49
C ALA B 93 -7.47 1.67 5.18
N THR B 94 -7.11 0.40 5.07
CA THR B 94 -8.09 -0.65 4.82
C THR B 94 -8.30 -1.31 6.18
N TYR B 95 -9.56 -1.43 6.58
CA TYR B 95 -9.91 -2.05 7.85
C TYR B 95 -10.49 -3.44 7.67
N PHE B 96 -9.88 -4.41 8.35
CA PHE B 96 -10.31 -5.79 8.27
C PHE B 96 -10.81 -6.28 9.62
N CYS B 97 -11.83 -7.14 9.62
CA CYS B 97 -12.26 -7.75 10.85
C CYS B 97 -11.99 -9.22 10.59
N ALA B 98 -11.59 -9.95 11.62
CA ALA B 98 -11.28 -11.36 11.43
C ALA B 98 -11.74 -12.22 12.60
N HIS B 99 -11.89 -13.50 12.33
CA HIS B 99 -12.35 -14.46 13.33
C HIS B 99 -11.22 -15.20 14.01
N ARG B 100 -11.40 -15.52 15.29
CA ARG B 100 -10.41 -16.26 16.08
C ARG B 100 -11.08 -17.44 16.80
N ARG B 101 -10.61 -18.65 16.52
CA ARG B 101 -11.15 -19.86 17.12
C ARG B 101 -11.01 -19.88 18.63
N GLY B 102 -11.97 -20.55 19.28
CA GLY B 102 -11.93 -20.70 20.73
C GLY B 102 -11.40 -22.09 21.03
N PRO B 103 -11.07 -22.42 22.28
CA PRO B 103 -10.56 -23.75 22.65
C PRO B 103 -11.58 -24.81 22.28
N THR B 104 -11.11 -25.92 21.71
CA THR B 104 -12.01 -27.00 21.33
C THR B 104 -12.57 -27.64 22.60
N GLY B 114 -5.21 -24.36 21.30
CA GLY B 114 -4.18 -25.03 20.53
C GLY B 114 -3.98 -24.30 19.22
N PRO B 115 -5.07 -24.13 18.46
CA PRO B 115 -5.22 -23.46 17.16
C PRO B 115 -5.97 -22.14 17.34
N VAL B 116 -5.99 -21.64 18.58
CA VAL B 116 -6.62 -20.35 18.88
C VAL B 116 -5.52 -19.37 18.55
N ASN B 117 -4.33 -19.91 18.24
CA ASN B 117 -3.19 -19.09 17.93
C ASN B 117 -3.09 -18.64 16.49
N ALA B 118 -4.08 -17.82 16.11
CA ALA B 118 -4.16 -17.24 14.78
C ALA B 118 -5.56 -16.70 14.53
N MET B 119 -5.65 -15.81 13.56
CA MET B 119 -6.91 -15.25 13.13
C MET B 119 -7.07 -16.09 11.87
N ASP B 120 -7.98 -17.06 11.90
CA ASP B 120 -8.15 -18.00 10.79
C ASP B 120 -8.95 -17.59 9.55
N VAL B 121 -9.92 -16.69 9.71
CA VAL B 121 -10.71 -16.26 8.56
C VAL B 121 -10.86 -14.75 8.64
N TRP B 122 -10.59 -14.08 7.52
CA TRP B 122 -10.66 -12.62 7.46
C TRP B 122 -11.75 -12.09 6.56
N GLY B 123 -12.15 -10.84 6.81
CA GLY B 123 -13.15 -10.21 5.97
C GLY B 123 -12.39 -9.77 4.74
N GLN B 124 -13.06 -9.22 3.74
CA GLN B 124 -12.31 -8.78 2.55
C GLN B 124 -11.66 -7.43 2.83
N GLY B 125 -12.16 -6.74 3.84
CA GLY B 125 -11.62 -5.43 4.19
C GLY B 125 -12.43 -4.31 3.58
N ILE B 126 -12.48 -3.17 4.26
CA ILE B 126 -13.20 -2.01 3.74
C ILE B 126 -12.18 -0.90 3.78
N THR B 127 -11.97 -0.23 2.65
CA THR B 127 -10.99 0.84 2.68
C THR B 127 -11.69 2.16 2.98
N VAL B 128 -11.17 2.82 4.01
CA VAL B 128 -11.70 4.09 4.49
C VAL B 128 -10.66 5.18 4.25
N THR B 129 -11.10 6.30 3.69
CA THR B 129 -10.21 7.41 3.42
C THR B 129 -10.63 8.60 4.27
N ILE B 130 -9.67 9.20 4.97
CA ILE B 130 -9.97 10.36 5.80
C ILE B 130 -9.51 11.63 5.11
N SER B 131 -10.49 12.44 4.73
CA SER B 131 -10.21 13.71 4.05
C SER B 131 -11.38 14.68 4.27
N SER B 132 -11.05 15.96 4.27
CA SER B 132 -12.02 17.00 4.49
C SER B 132 -12.54 17.52 3.16
N THR B 133 -12.10 16.92 2.06
CA THR B 133 -12.54 17.46 0.78
C THR B 133 -13.85 16.97 0.21
N SER B 134 -14.36 17.77 -0.72
CA SER B 134 -15.60 17.48 -1.40
C SER B 134 -15.29 16.98 -2.80
N THR B 135 -16.27 16.37 -3.43
CA THR B 135 -16.09 15.86 -4.78
C THR B 135 -15.48 16.96 -5.61
N LYS B 136 -14.51 16.61 -6.43
CA LYS B 136 -13.82 17.58 -7.25
C LYS B 136 -13.08 16.90 -8.37
N GLY B 137 -13.34 17.38 -9.59
CA GLY B 137 -12.72 16.83 -10.77
C GLY B 137 -11.27 17.22 -10.89
N PRO B 138 -10.47 16.46 -11.65
CA PRO B 138 -9.05 16.78 -11.80
C PRO B 138 -8.73 17.74 -12.92
N SER B 139 -7.57 18.37 -12.79
CA SER B 139 -7.06 19.26 -13.82
C SER B 139 -6.06 18.30 -14.45
N VAL B 140 -5.89 18.39 -15.76
CA VAL B 140 -4.95 17.51 -16.43
C VAL B 140 -3.86 18.28 -17.14
N PHE B 141 -2.64 18.09 -16.66
CA PHE B 141 -1.48 18.78 -17.20
C PHE B 141 -0.56 17.85 -17.97
N PRO B 142 0.09 18.37 -19.02
CA PRO B 142 1.01 17.59 -19.85
C PRO B 142 2.36 17.36 -19.18
N LEU B 143 2.89 16.16 -19.37
CA LEU B 143 4.20 15.80 -18.86
C LEU B 143 4.92 15.59 -20.18
N ALA B 144 5.65 16.60 -20.64
CA ALA B 144 6.29 16.45 -21.92
C ALA B 144 7.79 16.69 -22.01
N PRO B 145 8.45 15.95 -22.93
CA PRO B 145 9.86 15.88 -23.32
C PRO B 145 10.75 17.09 -23.02
N GLY B 153 16.91 6.56 -28.36
CA GLY B 153 15.75 6.74 -29.22
C GLY B 153 14.44 6.49 -28.52
N THR B 154 14.46 6.45 -27.19
CA THR B 154 13.25 6.22 -26.39
C THR B 154 12.84 7.52 -25.70
N ALA B 155 11.56 7.87 -25.80
CA ALA B 155 11.07 9.09 -25.18
C ALA B 155 9.91 8.80 -24.24
N ALA B 156 9.74 9.68 -23.26
CA ALA B 156 8.67 9.54 -22.30
C ALA B 156 7.79 10.78 -22.29
N LEU B 157 6.50 10.58 -22.09
CA LEU B 157 5.56 11.67 -22.03
C LEU B 157 4.43 11.17 -21.18
N GLY B 158 3.59 12.08 -20.71
CA GLY B 158 2.51 11.66 -19.89
C GLY B 158 1.58 12.77 -19.51
N CYS B 159 0.75 12.46 -18.53
CA CYS B 159 -0.24 13.38 -18.02
C CYS B 159 -0.25 13.40 -16.52
N LEU B 160 -0.36 14.59 -15.95
CA LEU B 160 -0.43 14.74 -14.52
C LEU B 160 -1.90 15.03 -14.23
N VAL B 161 -2.56 14.08 -13.58
CA VAL B 161 -3.96 14.21 -13.23
C VAL B 161 -3.95 14.70 -11.79
N LYS B 162 -4.15 16.01 -11.63
CA LYS B 162 -4.07 16.63 -10.31
C LYS B 162 -5.30 17.22 -9.63
N ASP B 163 -5.27 17.15 -8.30
CA ASP B 163 -6.32 17.67 -7.44
C ASP B 163 -7.74 17.18 -7.67
N TYR B 164 -7.95 15.87 -7.53
CA TYR B 164 -9.30 15.34 -7.69
C TYR B 164 -9.70 14.62 -6.41
N PHE B 165 -11.00 14.36 -6.27
CA PHE B 165 -11.51 13.67 -5.11
C PHE B 165 -12.93 13.27 -5.37
N PRO B 166 -13.30 12.04 -5.00
CA PRO B 166 -12.45 11.06 -4.33
C PRO B 166 -11.93 10.11 -5.39
N GLU B 167 -11.19 9.08 -4.98
CA GLU B 167 -10.74 8.10 -5.95
C GLU B 167 -12.06 7.50 -6.46
N PRO B 168 -12.03 6.86 -7.62
CA PRO B 168 -10.86 6.67 -8.48
C PRO B 168 -10.95 7.51 -9.74
N VAL B 169 -9.96 7.34 -10.60
CA VAL B 169 -9.89 8.04 -11.87
C VAL B 169 -9.40 7.00 -12.87
N THR B 170 -9.82 7.10 -14.13
CA THR B 170 -9.35 6.15 -15.13
C THR B 170 -8.57 6.89 -16.19
N VAL B 171 -7.47 6.30 -16.63
CA VAL B 171 -6.65 6.92 -17.65
C VAL B 171 -6.32 5.93 -18.74
N SER B 172 -6.46 6.36 -19.99
CA SER B 172 -6.13 5.50 -21.10
C SER B 172 -5.39 6.39 -22.07
N TRP B 173 -4.70 5.79 -23.04
CA TRP B 173 -3.99 6.58 -24.03
C TRP B 173 -4.54 6.31 -25.42
N ASN B 174 -4.77 7.37 -26.18
CA ASN B 174 -5.30 7.25 -27.52
C ASN B 174 -6.55 6.39 -27.54
N SER B 175 -7.45 6.66 -26.61
CA SER B 175 -8.72 5.96 -26.51
C SER B 175 -8.58 4.44 -26.39
N GLY B 176 -7.49 3.99 -25.79
CA GLY B 176 -7.28 2.55 -25.64
C GLY B 176 -6.40 1.92 -26.70
N ALA B 177 -6.16 2.64 -27.79
CA ALA B 177 -5.35 2.15 -28.88
C ALA B 177 -3.87 1.99 -28.49
N LEU B 178 -3.47 2.71 -27.44
CA LEU B 178 -2.08 2.65 -26.97
C LEU B 178 -2.03 2.02 -25.58
N THR B 179 -1.34 0.89 -25.44
CA THR B 179 -1.27 0.24 -24.13
C THR B 179 0.12 -0.14 -23.63
N SER B 180 0.99 -0.56 -24.53
CA SER B 180 2.33 -0.96 -24.11
C SER B 180 3.23 0.24 -23.88
N GLY B 181 3.98 0.21 -22.79
CA GLY B 181 4.85 1.31 -22.47
C GLY B 181 4.16 2.19 -21.45
N VAL B 182 2.85 1.98 -21.28
CA VAL B 182 2.07 2.76 -20.32
C VAL B 182 2.21 2.34 -18.85
N HIS B 183 2.30 3.34 -17.99
CA HIS B 183 2.43 3.12 -16.57
C HIS B 183 1.58 4.15 -15.89
N THR B 184 0.45 3.73 -15.34
CA THR B 184 -0.39 4.66 -14.61
C THR B 184 -0.05 4.38 -13.16
N PHE B 185 0.51 5.37 -12.49
CA PHE B 185 0.92 5.20 -11.11
C PHE B 185 -0.19 5.33 -10.09
N PRO B 186 0.03 4.75 -8.92
CA PRO B 186 -0.93 4.79 -7.83
C PRO B 186 -1.03 6.27 -7.48
N ALA B 187 -2.23 6.75 -7.22
CA ALA B 187 -2.37 8.15 -6.88
C ALA B 187 -1.86 8.36 -5.46
N VAL B 188 -1.51 9.61 -5.16
CA VAL B 188 -1.05 9.94 -3.82
C VAL B 188 -2.07 10.90 -3.23
N LEU B 189 -2.39 10.72 -1.96
CA LEU B 189 -3.31 11.62 -1.28
C LEU B 189 -2.39 12.72 -0.77
N GLN B 190 -2.60 13.94 -1.27
CA GLN B 190 -1.78 15.07 -0.89
C GLN B 190 -2.16 15.63 0.48
N SER B 191 -1.36 16.57 0.97
CA SER B 191 -1.61 17.17 2.27
C SER B 191 -2.86 18.02 2.21
N SER B 192 -3.28 18.36 0.99
CA SER B 192 -4.46 19.18 0.78
C SER B 192 -5.73 18.35 0.86
N GLY B 193 -5.56 17.04 0.95
CA GLY B 193 -6.71 16.15 1.04
C GLY B 193 -7.20 15.74 -0.33
N LEU B 194 -6.50 16.20 -1.36
CA LEU B 194 -6.86 15.88 -2.75
C LEU B 194 -5.83 14.93 -3.37
N TYR B 195 -6.29 14.13 -4.32
CA TYR B 195 -5.43 13.16 -5.00
C TYR B 195 -4.68 13.74 -6.19
N SER B 196 -3.59 13.07 -6.54
CA SER B 196 -2.79 13.46 -7.66
C SER B 196 -2.11 12.21 -8.16
N LEU B 197 -2.23 11.97 -9.46
CA LEU B 197 -1.58 10.80 -10.02
C LEU B 197 -1.03 11.14 -11.37
N SER B 198 -0.05 10.35 -11.78
CA SER B 198 0.55 10.57 -13.07
C SER B 198 0.43 9.30 -13.85
N SER B 199 0.34 9.48 -15.16
CA SER B 199 0.27 8.37 -16.05
C SER B 199 1.28 8.78 -17.06
N VAL B 200 2.19 7.86 -17.36
CA VAL B 200 3.23 8.15 -18.31
C VAL B 200 3.28 7.00 -19.28
N VAL B 201 3.84 7.28 -20.44
CA VAL B 201 4.00 6.27 -21.43
C VAL B 201 5.32 6.59 -22.12
N THR B 202 6.06 5.54 -22.40
CA THR B 202 7.35 5.67 -23.03
C THR B 202 7.15 5.24 -24.48
N VAL B 203 7.65 6.07 -25.40
CA VAL B 203 7.50 5.83 -26.85
C VAL B 203 8.79 6.16 -27.61
N PRO B 204 8.84 5.79 -28.91
CA PRO B 204 10.03 6.07 -29.70
C PRO B 204 10.15 7.55 -30.08
N SER B 205 11.35 8.11 -29.91
CA SER B 205 11.61 9.51 -30.22
C SER B 205 11.10 9.87 -31.62
N SER B 206 11.44 9.01 -32.57
CA SER B 206 11.03 9.22 -33.95
C SER B 206 9.52 9.34 -34.14
N SER B 207 8.76 8.83 -33.20
CA SER B 207 7.31 8.88 -33.29
C SER B 207 6.77 10.24 -32.84
N LEU B 208 7.55 10.97 -32.05
CA LEU B 208 7.13 12.25 -31.51
C LEU B 208 6.60 13.33 -32.47
N GLY B 209 7.03 13.30 -33.72
CA GLY B 209 6.57 14.31 -34.67
C GLY B 209 5.49 13.87 -35.65
N THR B 210 5.13 12.59 -35.61
CA THR B 210 4.13 12.06 -36.52
C THR B 210 2.98 11.37 -35.79
N GLN B 211 3.26 10.90 -34.59
CA GLN B 211 2.25 10.21 -33.80
C GLN B 211 1.73 11.15 -32.72
N THR B 212 0.43 11.13 -32.46
CA THR B 212 -0.11 11.99 -31.42
C THR B 212 -0.41 11.22 -30.13
N TYR B 213 -0.24 11.91 -29.01
CA TYR B 213 -0.45 11.31 -27.71
C TYR B 213 -1.45 12.10 -26.88
N THR B 214 -2.54 11.44 -26.52
CA THR B 214 -3.60 12.05 -25.76
C THR B 214 -4.02 11.17 -24.60
N CYS B 215 -4.02 11.69 -23.38
CA CYS B 215 -4.45 10.88 -22.26
C CYS B 215 -5.91 11.19 -22.01
N ASN B 216 -6.71 10.14 -21.84
CA ASN B 216 -8.15 10.29 -21.58
C ASN B 216 -8.37 10.07 -20.10
N VAL B 217 -8.83 11.12 -19.43
CA VAL B 217 -9.06 11.10 -18.00
C VAL B 217 -10.54 11.11 -17.66
N ASN B 218 -10.94 10.23 -16.75
CA ASN B 218 -12.34 10.15 -16.34
C ASN B 218 -12.47 9.96 -14.82
N HIS B 219 -13.06 10.95 -14.18
CA HIS B 219 -13.29 10.94 -12.74
C HIS B 219 -14.81 10.91 -12.59
N LYS B 220 -15.39 9.72 -12.67
CA LYS B 220 -16.83 9.55 -12.57
C LYS B 220 -17.42 10.23 -11.34
N PRO B 221 -16.78 10.07 -10.18
CA PRO B 221 -17.28 10.69 -8.94
C PRO B 221 -17.74 12.14 -9.09
N SER B 222 -17.13 12.88 -10.00
CA SER B 222 -17.47 14.28 -10.21
C SER B 222 -17.80 14.50 -11.66
N ASN B 223 -17.76 13.40 -12.41
CA ASN B 223 -17.87 13.46 -13.85
C ASN B 223 -17.13 14.61 -14.48
N THR B 224 -15.80 14.48 -14.47
CA THR B 224 -14.98 15.46 -15.14
C THR B 224 -14.27 14.52 -16.10
N LYS B 225 -14.51 14.69 -17.39
CA LYS B 225 -13.83 13.89 -18.39
C LYS B 225 -12.97 14.91 -19.12
N VAL B 226 -11.73 14.52 -19.37
CA VAL B 226 -10.79 15.40 -20.04
C VAL B 226 -9.91 14.62 -20.98
N ASP B 227 -9.69 15.17 -22.16
CA ASP B 227 -8.81 14.57 -23.15
C ASP B 227 -7.71 15.58 -23.29
N LYS B 228 -6.49 15.17 -22.98
CA LYS B 228 -5.37 16.08 -23.01
C LYS B 228 -4.26 15.58 -23.88
N ARG B 229 -4.01 16.34 -24.93
CA ARG B 229 -2.97 16.05 -25.90
C ARG B 229 -1.62 16.59 -25.46
N VAL B 230 -0.58 15.77 -25.54
CA VAL B 230 0.79 16.18 -25.18
C VAL B 230 1.70 15.60 -26.33
N GLU B 231 2.62 16.42 -26.86
CA GLU B 231 3.58 16.11 -27.90
C GLU B 231 4.80 16.55 -27.05
N PRO B 232 5.34 17.77 -27.32
CA PRO B 232 6.46 18.21 -26.47
C PRO B 232 5.66 19.28 -25.72
N GLU C 26 0.56 -7.62 29.57
CA GLU C 26 -0.41 -8.62 30.13
C GLU C 26 -0.49 -9.81 29.15
N LEU C 27 -0.94 -10.96 29.66
CA LEU C 27 -0.99 -12.16 28.85
C LEU C 27 -2.30 -12.38 28.12
N ASP C 28 -2.20 -13.04 26.97
CA ASP C 28 -3.38 -13.35 26.15
C ASP C 28 -4.32 -14.23 26.95
N LYS C 29 -5.57 -14.25 26.52
CA LYS C 29 -6.62 -15.03 27.16
C LYS C 29 -6.38 -16.53 27.21
N TRP C 30 -5.63 -17.04 26.24
CA TRP C 30 -5.33 -18.46 26.12
C TRP C 30 -3.95 -18.98 26.45
N ALA C 31 -3.22 -18.22 27.26
CA ALA C 31 -1.88 -18.58 27.62
C ALA C 31 -1.89 -19.74 28.60
N SER C 32 -3.09 -20.17 28.98
CA SER C 32 -3.28 -21.29 29.92
C SER C 32 -2.55 -22.47 29.20
#